data_1J1R
#
_entry.id   1J1R
#
_cell.length_a   79.100
_cell.length_b   85.300
_cell.length_c   92.500
_cell.angle_alpha   90.00
_cell.angle_beta   90.00
_cell.angle_gamma   90.00
#
_symmetry.space_group_name_H-M   'I 2 2 2'
#
loop_
_entity.id
_entity.type
_entity.pdbx_description
1 polymer 'Antiviral Protein S'
2 non-polymer 2-acetamido-2-deoxy-beta-D-glucopyranose
3 non-polymer ADENINE
4 water water
#
_entity_poly.entity_id   1
_entity_poly.type   'polypeptide(L)'
_entity_poly.pdbx_seq_one_letter_code
;INTITFDAGNATINKYATFMESLRNEAKDPSLKCYGIPMLPNTNSTIKYLLVKLQGASLKTITLMLRRNNLYVMGYSDPY
DNKCRYHIFNDIKGTEYSDVENTLCPSSNPRVAKPINYNGLYPTLEKKAGVTSRNEVQLGIQILSSDIGKISGQGSFTEK
IEAKFLLVAIQMVSEAARFKYIENQVKTNFNRDFSPNDKVLDLEENWGKISTAIHNSKNGALPKPLELKNADGTKWIVLR
VDEIKPDVGLLNYVNGTCQAT
;
_entity_poly.pdbx_strand_id   A
#
loop_
_chem_comp.id
_chem_comp.type
_chem_comp.name
_chem_comp.formula
ADE non-polymer ADENINE 'C5 H5 N5'
NAG D-saccharide, beta linking 2-acetamido-2-deoxy-beta-D-glucopyranose 'C8 H15 N O6'
#
# COMPACT_ATOMS: atom_id res chain seq x y z
N ILE A 1 -17.83 -4.13 1.24
CA ILE A 1 -17.20 -5.15 2.05
C ILE A 1 -16.58 -4.61 3.35
N ASN A 2 -16.23 -5.61 4.15
CA ASN A 2 -15.61 -5.42 5.44
C ASN A 2 -14.40 -4.50 5.37
N THR A 3 -14.25 -3.66 6.44
CA THR A 3 -13.02 -2.92 6.75
C THR A 3 -12.00 -4.00 7.19
N ILE A 4 -10.81 -3.99 6.58
CA ILE A 4 -9.80 -4.95 6.89
C ILE A 4 -9.03 -4.31 8.05
N THR A 5 -8.93 -4.92 9.25
CA THR A 5 -8.18 -4.35 10.38
C THR A 5 -6.86 -5.04 10.64
N PHE A 6 -5.82 -4.32 11.04
CA PHE A 6 -4.57 -4.91 11.48
C PHE A 6 -4.12 -4.21 12.75
N ASP A 7 -3.83 -4.99 13.78
CA ASP A 7 -3.31 -4.49 15.02
C ASP A 7 -1.78 -4.60 15.10
N ALA A 8 -1.18 -3.44 14.88
CA ALA A 8 0.24 -3.29 14.95
C ALA A 8 0.69 -3.36 16.38
N GLY A 9 -0.18 -3.05 17.34
CA GLY A 9 0.24 -2.99 18.73
C GLY A 9 0.44 -4.36 19.30
N ASN A 10 -0.39 -5.33 18.86
CA ASN A 10 -0.25 -6.71 19.32
C ASN A 10 -0.08 -7.64 18.13
N ALA A 11 0.97 -7.42 17.34
CA ALA A 11 1.16 -8.14 16.08
C ALA A 11 2.01 -9.38 16.20
N THR A 12 1.81 -10.35 15.31
CA THR A 12 2.76 -11.47 15.15
C THR A 12 2.96 -11.65 13.64
N ILE A 13 3.94 -12.46 13.18
CA ILE A 13 4.21 -12.76 11.75
C ILE A 13 2.97 -13.33 11.14
N ASN A 14 2.35 -14.26 11.85
CA ASN A 14 1.18 -14.92 11.33
C ASN A 14 0.00 -13.97 11.21
N LYS A 15 -0.20 -13.01 12.13
CA LYS A 15 -1.32 -12.05 12.01
C LYS A 15 -1.11 -11.12 10.80
N TYR A 16 0.14 -10.69 10.57
CA TYR A 16 0.49 -9.86 9.43
C TYR A 16 0.30 -10.59 8.10
N ALA A 17 0.71 -11.87 8.10
CA ALA A 17 0.48 -12.71 6.95
C ALA A 17 -1.00 -12.90 6.63
N THR A 18 -1.88 -13.05 7.65
CA THR A 18 -3.35 -13.17 7.49
C THR A 18 -3.88 -11.89 6.89
N PHE A 19 -3.33 -10.73 7.35
CA PHE A 19 -3.74 -9.42 6.90
C PHE A 19 -3.50 -9.23 5.43
N MET A 20 -2.32 -9.65 5.01
CA MET A 20 -1.98 -9.54 3.62
C MET A 20 -2.87 -10.39 2.72
N GLU A 21 -3.17 -11.66 3.07
CA GLU A 21 -4.00 -12.48 2.21
C GLU A 21 -5.43 -11.97 2.24
N SER A 22 -5.91 -11.38 3.34
CA SER A 22 -7.26 -10.85 3.39
C SER A 22 -7.32 -9.67 2.46
N LEU A 23 -6.28 -8.83 2.47
CA LEU A 23 -6.25 -7.66 1.62
C LEU A 23 -6.18 -8.07 0.14
N ARG A 24 -5.36 -9.06 -0.24
CA ARG A 24 -5.22 -9.46 -1.62
C ARG A 24 -6.53 -10.08 -2.10
N ASN A 25 -7.23 -10.82 -1.27
CA ASN A 25 -8.48 -11.42 -1.72
C ASN A 25 -9.62 -10.45 -1.87
N GLU A 26 -9.68 -9.38 -1.06
CA GLU A 26 -10.73 -8.40 -1.22
C GLU A 26 -10.43 -7.49 -2.38
N ALA A 27 -9.13 -7.21 -2.59
CA ALA A 27 -8.68 -6.32 -3.67
C ALA A 27 -8.76 -6.93 -5.06
N LYS A 28 -8.42 -8.21 -5.20
CA LYS A 28 -8.40 -8.83 -6.53
C LYS A 28 -9.75 -8.93 -7.27
N ASP A 29 -9.72 -8.95 -8.58
CA ASP A 29 -10.90 -9.26 -9.38
C ASP A 29 -11.06 -10.76 -9.21
N PRO A 30 -12.18 -11.43 -8.86
CA PRO A 30 -12.17 -12.88 -8.61
C PRO A 30 -11.76 -13.78 -9.79
N SER A 31 -12.03 -13.35 -11.02
CA SER A 31 -11.70 -14.15 -12.18
C SER A 31 -10.45 -13.81 -12.97
N LEU A 32 -9.99 -12.55 -13.00
CA LEU A 32 -8.74 -12.17 -13.66
C LEU A 32 -7.51 -12.68 -12.91
N LYS A 33 -6.61 -13.25 -13.72
CA LYS A 33 -5.42 -13.90 -13.21
C LYS A 33 -4.50 -14.23 -14.39
N CYS A 34 -3.17 -14.15 -14.22
CA CYS A 34 -2.22 -14.51 -15.29
C CYS A 34 -1.14 -15.28 -14.62
N TYR A 35 -0.87 -16.44 -15.18
CA TYR A 35 0.11 -17.37 -14.65
C TYR A 35 -0.09 -17.64 -13.16
N GLY A 36 -1.37 -17.62 -12.77
CA GLY A 36 -1.78 -18.00 -11.43
C GLY A 36 -1.64 -16.90 -10.40
N ILE A 37 -1.26 -15.71 -10.86
CA ILE A 37 -1.09 -14.52 -10.02
C ILE A 37 -2.36 -13.68 -10.18
N PRO A 38 -3.13 -13.36 -9.11
CA PRO A 38 -4.34 -12.56 -9.21
C PRO A 38 -4.10 -11.14 -9.65
N MET A 39 -5.04 -10.62 -10.41
CA MET A 39 -4.98 -9.28 -10.98
C MET A 39 -6.02 -8.37 -10.32
N LEU A 40 -5.77 -7.07 -10.29
CA LEU A 40 -6.69 -6.08 -9.78
C LEU A 40 -7.76 -5.80 -10.82
N PRO A 41 -9.00 -5.43 -10.43
CA PRO A 41 -10.11 -5.22 -11.36
C PRO A 41 -9.90 -3.94 -12.13
N ASN A 42 -10.56 -3.56 -13.25
CA ASN A 42 -10.29 -2.19 -13.69
C ASN A 42 -11.28 -1.19 -13.07
N THR A 43 -11.28 0.05 -13.56
CA THR A 43 -12.03 1.13 -12.87
C THR A 43 -13.56 1.08 -12.85
N ASN A 44 -14.14 0.11 -13.50
CA ASN A 44 -15.58 -0.04 -13.38
C ASN A 44 -15.96 -1.23 -12.52
N SER A 45 -15.18 -1.56 -11.47
CA SER A 45 -15.58 -2.61 -10.54
C SER A 45 -16.84 -2.23 -9.74
N THR A 46 -17.65 -3.21 -9.31
CA THR A 46 -18.85 -2.98 -8.47
C THR A 46 -18.49 -2.22 -7.12
N ILE A 47 -17.41 -2.69 -6.47
CA ILE A 47 -16.83 -1.99 -5.33
C ILE A 47 -15.51 -1.31 -5.77
N LYS A 48 -15.40 0.02 -5.63
CA LYS A 48 -14.23 0.73 -6.09
C LYS A 48 -13.18 1.03 -5.02
N TYR A 49 -13.60 0.95 -3.76
CA TYR A 49 -12.72 1.27 -2.66
C TYR A 49 -12.64 0.19 -1.62
N LEU A 50 -11.53 0.21 -0.88
CA LEU A 50 -11.25 -0.66 0.25
C LEU A 50 -10.85 0.18 1.47
N LEU A 51 -11.32 -0.20 2.66
CA LEU A 51 -10.91 0.47 3.91
C LEU A 51 -10.00 -0.40 4.77
N VAL A 52 -8.89 0.16 5.24
CA VAL A 52 -7.97 -0.58 6.09
C VAL A 52 -7.80 0.15 7.40
N LYS A 53 -8.15 -0.43 8.54
CA LYS A 53 -7.94 0.22 9.82
C LYS A 53 -6.78 -0.39 10.58
N LEU A 54 -5.87 0.49 10.95
CA LEU A 54 -4.67 0.17 11.69
C LEU A 54 -4.79 0.67 13.12
N GLN A 55 -4.30 -0.17 14.03
CA GLN A 55 -4.34 0.11 15.45
C GLN A 55 -2.97 -0.04 16.02
N GLY A 56 -2.64 0.86 16.92
CA GLY A 56 -1.33 0.88 17.57
C GLY A 56 -1.43 0.38 19.00
N ALA A 57 -0.28 0.32 19.64
CA ALA A 57 -0.11 -0.06 21.05
C ALA A 57 -0.80 0.87 22.04
N SER A 58 -0.95 2.14 21.66
CA SER A 58 -1.71 3.09 22.44
C SER A 58 -3.24 2.86 22.37
N LEU A 59 -3.65 1.92 21.47
CA LEU A 59 -5.02 1.55 21.14
C LEU A 59 -5.78 2.54 20.25
N LYS A 60 -5.12 3.63 19.85
CA LYS A 60 -5.63 4.61 18.92
C LYS A 60 -5.57 4.00 17.54
N THR A 61 -6.48 4.42 16.66
CA THR A 61 -6.56 3.87 15.31
C THR A 61 -6.47 4.95 14.22
N ILE A 62 -6.02 4.54 13.03
CA ILE A 62 -6.09 5.34 11.80
C ILE A 62 -6.77 4.49 10.72
N THR A 63 -7.70 4.99 9.88
CA THR A 63 -8.28 4.19 8.79
C THR A 63 -7.82 4.78 7.48
N LEU A 64 -7.19 3.95 6.67
CA LEU A 64 -6.77 4.33 5.36
C LEU A 64 -7.81 4.01 4.33
N MET A 65 -7.95 4.85 3.31
CA MET A 65 -8.80 4.45 2.22
C MET A 65 -7.98 4.33 0.92
N LEU A 66 -8.18 3.16 0.32
CA LEU A 66 -7.49 2.71 -0.88
C LEU A 66 -8.38 2.58 -2.11
N ARG A 67 -7.93 3.01 -3.29
CA ARG A 67 -8.66 2.71 -4.52
C ARG A 67 -8.31 1.27 -4.86
N ARG A 68 -9.34 0.43 -5.06
CA ARG A 68 -9.19 -0.98 -5.33
C ARG A 68 -8.51 -1.29 -6.64
N ASN A 69 -8.67 -0.40 -7.62
CA ASN A 69 -8.07 -0.54 -8.95
C ASN A 69 -6.56 -0.64 -8.87
N ASN A 70 -5.87 0.13 -8.04
CA ASN A 70 -4.43 0.11 -8.06
C ASN A 70 -3.84 0.19 -6.67
N LEU A 71 -4.70 0.03 -5.62
CA LEU A 71 -4.31 0.09 -4.22
C LEU A 71 -3.68 1.39 -3.73
N TYR A 72 -4.02 2.51 -4.36
CA TYR A 72 -3.50 3.81 -3.94
C TYR A 72 -4.21 4.33 -2.70
N VAL A 73 -3.44 4.82 -1.72
CA VAL A 73 -4.02 5.49 -0.56
C VAL A 73 -4.46 6.88 -1.02
N MET A 74 -5.77 7.20 -0.87
CA MET A 74 -6.38 8.49 -1.22
C MET A 74 -6.47 9.49 -0.08
N GLY A 75 -6.48 8.96 1.16
CA GLY A 75 -6.55 9.71 2.39
C GLY A 75 -6.74 8.80 3.59
N TYR A 76 -6.93 9.39 4.76
CA TYR A 76 -7.12 8.61 5.96
C TYR A 76 -8.00 9.37 6.93
N SER A 77 -8.59 8.69 7.92
CA SER A 77 -9.31 9.33 9.03
C SER A 77 -8.75 8.86 10.38
N ASP A 78 -9.00 9.68 11.43
CA ASP A 78 -8.69 9.30 12.80
C ASP A 78 -9.85 9.73 13.68
N PRO A 79 -10.19 9.07 14.79
CA PRO A 79 -11.03 9.65 15.88
C PRO A 79 -10.36 10.87 16.52
N TYR A 80 -11.05 12.02 16.47
CA TYR A 80 -10.50 13.24 17.02
C TYR A 80 -11.52 14.14 17.71
N ASP A 81 -11.44 14.32 19.04
CA ASP A 81 -12.23 15.32 19.75
C ASP A 81 -13.68 15.03 19.57
N ASN A 82 -14.06 13.75 19.69
CA ASN A 82 -15.41 13.26 19.37
C ASN A 82 -15.95 13.53 17.96
N LYS A 83 -15.06 13.61 16.97
CA LYS A 83 -15.45 13.75 15.60
C LYS A 83 -14.63 12.76 14.78
N CYS A 84 -15.09 12.56 13.56
CA CYS A 84 -14.33 11.80 12.57
C CYS A 84 -13.52 12.82 11.76
N ARG A 85 -12.19 12.85 11.86
CA ARG A 85 -11.40 13.80 11.12
C ARG A 85 -10.85 13.18 9.85
N TYR A 86 -11.23 13.71 8.67
CA TYR A 86 -10.76 13.15 7.40
C TYR A 86 -9.69 13.99 6.73
N HIS A 87 -8.68 13.27 6.31
CA HIS A 87 -7.49 13.83 5.75
C HIS A 87 -7.34 13.38 4.30
N ILE A 88 -7.50 14.25 3.30
CA ILE A 88 -7.45 13.82 1.91
C ILE A 88 -6.35 14.57 1.15
N PHE A 89 -5.62 13.91 0.21
CA PHE A 89 -4.58 14.55 -0.61
C PHE A 89 -5.10 15.68 -1.48
N ASN A 90 -4.30 16.74 -1.74
CA ASN A 90 -4.81 17.93 -2.45
C ASN A 90 -5.20 17.78 -3.94
N ASP A 91 -5.12 16.58 -4.51
CA ASP A 91 -5.39 16.30 -5.92
C ASP A 91 -6.53 15.32 -6.11
N ILE A 92 -7.22 14.93 -5.03
CA ILE A 92 -8.38 14.05 -5.07
C ILE A 92 -9.50 15.10 -5.07
N LYS A 93 -10.27 15.27 -6.15
CA LYS A 93 -11.30 16.31 -6.17
C LYS A 93 -12.62 15.79 -6.72
N GLY A 94 -13.77 16.49 -6.56
CA GLY A 94 -15.07 16.06 -7.08
C GLY A 94 -15.72 14.77 -6.57
N THR A 95 -16.10 13.88 -7.52
CA THR A 95 -16.73 12.59 -7.23
C THR A 95 -15.88 11.75 -6.24
N GLU A 96 -14.55 11.64 -6.53
CA GLU A 96 -13.66 10.83 -5.72
C GLU A 96 -13.56 11.43 -4.34
N TYR A 97 -13.35 12.76 -4.29
CA TYR A 97 -13.14 13.43 -3.03
C TYR A 97 -14.27 13.12 -2.04
N SER A 98 -15.52 13.11 -2.52
CA SER A 98 -16.60 12.99 -1.57
C SER A 98 -17.11 11.57 -1.42
N ASP A 99 -16.74 10.64 -2.32
CA ASP A 99 -16.91 9.23 -1.95
C ASP A 99 -15.87 8.99 -0.86
N VAL A 100 -14.70 9.64 -0.88
CA VAL A 100 -13.68 9.43 0.17
C VAL A 100 -14.12 10.04 1.49
N GLU A 101 -14.50 11.32 1.44
CA GLU A 101 -14.93 12.04 2.63
C GLU A 101 -16.10 11.36 3.33
N ASN A 102 -17.12 11.04 2.53
CA ASN A 102 -18.32 10.41 3.04
C ASN A 102 -18.17 8.96 3.37
N THR A 103 -17.20 8.21 2.83
CA THR A 103 -17.00 6.82 3.25
C THR A 103 -16.08 6.78 4.43
N LEU A 104 -15.10 7.66 4.59
CA LEU A 104 -14.28 7.65 5.79
C LEU A 104 -15.08 8.21 6.98
N CYS A 105 -15.86 9.27 6.77
CA CYS A 105 -16.63 9.91 7.82
C CYS A 105 -18.05 10.15 7.34
N PRO A 106 -18.96 9.25 7.63
CA PRO A 106 -20.35 9.41 7.31
C PRO A 106 -21.00 10.76 7.66
N SER A 107 -21.75 11.30 6.70
CA SER A 107 -22.42 12.59 6.86
C SER A 107 -23.48 12.66 7.92
N SER A 108 -23.82 11.48 8.48
CA SER A 108 -24.85 11.42 9.50
C SER A 108 -24.18 11.54 10.86
N ASN A 109 -22.85 11.59 10.97
CA ASN A 109 -22.17 11.67 12.24
C ASN A 109 -21.22 12.85 12.26
N PRO A 110 -20.77 13.41 13.41
CA PRO A 110 -19.91 14.59 13.45
C PRO A 110 -18.57 14.36 12.76
N ARG A 111 -18.08 15.36 12.05
CA ARG A 111 -16.83 15.23 11.31
C ARG A 111 -16.17 16.58 11.09
N VAL A 112 -14.89 16.56 10.72
CA VAL A 112 -14.11 17.74 10.45
C VAL A 112 -12.96 17.36 9.51
N ALA A 113 -12.59 18.31 8.63
CA ALA A 113 -11.51 18.14 7.65
C ALA A 113 -10.22 18.64 8.20
N LYS A 114 -9.21 17.85 7.93
CA LYS A 114 -7.88 18.33 8.15
C LYS A 114 -7.14 17.90 6.88
N PRO A 115 -7.06 18.72 5.82
CA PRO A 115 -6.38 18.42 4.55
C PRO A 115 -4.94 17.98 4.62
N ILE A 116 -4.61 17.15 3.64
CA ILE A 116 -3.20 16.85 3.41
C ILE A 116 -2.86 17.81 2.29
N ASN A 117 -2.05 18.81 2.62
CA ASN A 117 -1.72 19.89 1.67
C ASN A 117 -0.51 19.68 0.75
N TYR A 118 -0.58 18.47 0.16
CA TYR A 118 0.34 17.90 -0.83
C TYR A 118 -0.32 16.63 -1.40
N ASN A 119 0.28 16.10 -2.48
CA ASN A 119 -0.21 14.89 -3.11
C ASN A 119 0.49 13.63 -2.57
N GLY A 120 0.03 12.44 -3.01
CA GLY A 120 0.51 11.17 -2.50
C GLY A 120 1.63 10.50 -3.26
N LEU A 121 2.40 11.18 -4.11
CA LEU A 121 3.50 10.59 -4.86
C LEU A 121 4.75 10.54 -3.97
N TYR A 122 5.56 9.48 -4.17
CA TYR A 122 6.78 9.28 -3.41
C TYR A 122 7.74 10.44 -3.38
N PRO A 123 8.02 11.20 -4.46
CA PRO A 123 8.92 12.36 -4.41
C PRO A 123 8.43 13.48 -3.52
N THR A 124 7.12 13.70 -3.51
CA THR A 124 6.47 14.67 -2.65
C THR A 124 6.59 14.20 -1.21
N LEU A 125 6.26 12.95 -0.88
CA LEU A 125 6.31 12.52 0.51
C LEU A 125 7.73 12.49 1.07
N GLU A 126 8.73 12.19 0.22
CA GLU A 126 10.13 12.19 0.61
C GLU A 126 10.53 13.60 0.92
N LYS A 127 10.21 14.59 0.06
CA LYS A 127 10.52 15.98 0.31
C LYS A 127 9.96 16.42 1.66
N LYS A 128 8.66 16.15 1.93
CA LYS A 128 7.99 16.51 3.20
C LYS A 128 8.60 15.81 4.41
N ALA A 129 9.06 14.58 4.19
CA ALA A 129 9.70 13.84 5.25
C ALA A 129 11.11 14.43 5.47
N GLY A 130 11.72 15.22 4.57
CA GLY A 130 13.08 15.77 4.79
C GLY A 130 14.21 14.84 4.30
N VAL A 131 13.96 13.85 3.42
CA VAL A 131 14.98 12.93 2.99
C VAL A 131 15.15 13.02 1.50
N THR A 132 16.33 12.54 1.13
CA THR A 132 16.74 12.39 -0.27
C THR A 132 16.04 11.23 -0.96
N SER A 133 15.94 10.15 -0.22
CA SER A 133 15.34 8.91 -0.67
C SER A 133 14.66 8.23 0.50
N ARG A 134 13.62 7.42 0.21
CA ARG A 134 12.84 6.83 1.28
C ARG A 134 13.57 5.69 1.92
N ASN A 135 14.73 5.22 1.41
CA ASN A 135 15.52 4.24 2.13
C ASN A 135 16.13 4.87 3.40
N GLU A 136 16.00 6.19 3.59
CA GLU A 136 16.42 6.82 4.82
C GLU A 136 15.34 6.83 5.91
N VAL A 137 14.14 6.32 5.58
CA VAL A 137 13.06 6.25 6.52
C VAL A 137 12.92 4.81 6.94
N GLN A 138 13.07 4.46 8.22
CA GLN A 138 12.95 3.06 8.61
C GLN A 138 11.53 2.56 8.74
N LEU A 139 11.31 1.30 8.33
CA LEU A 139 10.04 0.60 8.38
C LEU A 139 10.12 -0.35 9.54
N GLY A 140 8.95 -0.80 9.97
CA GLY A 140 8.84 -1.84 10.99
C GLY A 140 7.54 -1.75 11.77
N ILE A 141 7.21 -2.81 12.50
CA ILE A 141 5.97 -2.90 13.27
C ILE A 141 5.89 -1.91 14.42
N GLN A 142 6.96 -1.74 15.22
CA GLN A 142 7.00 -0.71 16.25
C GLN A 142 6.93 0.69 15.61
N ILE A 143 7.63 1.00 14.51
CA ILE A 143 7.59 2.36 13.96
C ILE A 143 6.17 2.70 13.51
N LEU A 144 5.44 1.80 12.85
CA LEU A 144 4.04 2.01 12.42
C LEU A 144 3.14 2.30 13.64
N SER A 145 3.32 1.48 14.67
CA SER A 145 2.60 1.64 15.91
C SER A 145 2.90 2.96 16.58
N SER A 146 4.16 3.36 16.79
CA SER A 146 4.47 4.64 17.42
C SER A 146 3.94 5.75 16.56
N ASP A 147 4.02 5.63 15.23
CA ASP A 147 3.53 6.65 14.29
C ASP A 147 2.01 6.85 14.32
N ILE A 148 1.22 5.80 14.55
CA ILE A 148 -0.22 5.95 14.74
C ILE A 148 -0.49 6.86 15.98
N GLY A 149 0.25 6.61 17.07
CA GLY A 149 0.13 7.39 18.29
C GLY A 149 0.45 8.88 18.13
N LYS A 150 1.48 9.22 17.34
CA LYS A 150 1.87 10.61 17.09
C LYS A 150 0.85 11.45 16.31
N ILE A 151 -0.08 10.83 15.56
CA ILE A 151 -1.09 11.51 14.75
C ILE A 151 -2.52 11.33 15.27
N SER A 152 -2.93 10.10 15.50
CA SER A 152 -4.30 9.78 15.88
C SER A 152 -4.70 10.50 17.16
N GLY A 153 -5.83 11.21 17.06
CA GLY A 153 -6.38 12.02 18.15
C GLY A 153 -5.60 13.29 18.52
N GLN A 154 -4.55 13.70 17.79
CA GLN A 154 -3.72 14.85 18.15
C GLN A 154 -4.13 16.08 17.38
N GLY A 155 -4.17 17.17 18.15
CA GLY A 155 -4.60 18.43 17.59
C GLY A 155 -3.60 19.01 16.58
N SER A 156 -2.35 18.83 16.94
CA SER A 156 -1.25 19.36 16.18
C SER A 156 -0.22 18.31 15.92
N PHE A 157 0.25 18.30 14.69
CA PHE A 157 1.34 17.40 14.32
C PHE A 157 1.95 18.00 13.08
N THR A 158 3.19 17.64 12.86
CA THR A 158 3.88 18.19 11.75
C THR A 158 3.65 17.47 10.41
N GLU A 159 3.88 18.21 9.32
CA GLU A 159 3.86 17.59 7.99
C GLU A 159 5.03 16.62 7.84
N LYS A 160 6.18 16.80 8.52
CA LYS A 160 7.24 15.79 8.50
C LYS A 160 6.84 14.46 9.18
N ILE A 161 6.13 14.39 10.33
CA ILE A 161 5.78 13.11 10.85
C ILE A 161 4.58 12.53 10.10
N GLU A 162 3.70 13.36 9.52
CA GLU A 162 2.61 12.83 8.71
C GLU A 162 3.15 12.15 7.43
N ALA A 163 4.14 12.77 6.74
CA ALA A 163 4.65 12.20 5.51
C ALA A 163 5.53 11.01 5.83
N LYS A 164 6.21 10.90 6.98
CA LYS A 164 6.93 9.67 7.36
C LYS A 164 5.95 8.59 7.70
N PHE A 165 4.85 8.88 8.42
CA PHE A 165 3.81 7.90 8.68
C PHE A 165 3.29 7.29 7.36
N LEU A 166 2.96 8.16 6.38
CA LEU A 166 2.42 7.69 5.12
C LEU A 166 3.46 6.93 4.32
N LEU A 167 4.77 7.22 4.38
CA LEU A 167 5.73 6.39 3.64
C LEU A 167 5.80 4.99 4.27
N VAL A 168 5.69 4.92 5.58
CA VAL A 168 5.69 3.66 6.28
C VAL A 168 4.40 2.90 6.00
N ALA A 169 3.23 3.53 6.03
CA ALA A 169 1.99 2.80 5.88
C ALA A 169 1.77 2.36 4.44
N ILE A 170 2.12 3.17 3.44
CA ILE A 170 1.98 2.81 2.04
C ILE A 170 2.86 1.60 1.76
N GLN A 171 4.09 1.52 2.27
CA GLN A 171 4.95 0.39 1.97
C GLN A 171 4.57 -0.90 2.72
N MET A 172 4.10 -0.79 3.97
CA MET A 172 3.70 -1.95 4.74
C MET A 172 2.27 -2.47 4.52
N VAL A 173 1.44 -1.71 3.77
CA VAL A 173 0.11 -2.14 3.41
C VAL A 173 0.02 -2.32 1.89
N SER A 174 0.01 -1.24 1.09
CA SER A 174 -0.07 -1.30 -0.37
C SER A 174 1.11 -1.99 -1.06
N GLU A 175 2.38 -1.63 -0.83
CA GLU A 175 3.50 -2.29 -1.49
C GLU A 175 3.71 -3.73 -1.06
N ALA A 176 3.46 -4.00 0.21
CA ALA A 176 3.51 -5.35 0.72
C ALA A 176 2.40 -6.20 0.08
N ALA A 177 1.18 -5.69 -0.15
CA ALA A 177 0.19 -6.49 -0.84
C ALA A 177 0.53 -6.75 -2.32
N ARG A 178 1.15 -5.80 -3.00
CA ARG A 178 1.51 -5.89 -4.38
C ARG A 178 2.65 -6.88 -4.54
N PHE A 179 3.64 -6.80 -3.65
CA PHE A 179 4.81 -7.65 -3.70
C PHE A 179 5.02 -8.57 -2.53
N LYS A 180 4.97 -9.88 -2.78
CA LYS A 180 5.29 -10.87 -1.77
C LYS A 180 6.69 -10.66 -1.20
N TYR A 181 7.63 -10.17 -2.03
CA TYR A 181 8.98 -9.91 -1.52
C TYR A 181 8.99 -8.84 -0.42
N ILE A 182 8.21 -7.74 -0.53
CA ILE A 182 8.20 -6.71 0.50
C ILE A 182 7.48 -7.29 1.70
N GLU A 183 6.33 -8.00 1.58
CA GLU A 183 5.75 -8.68 2.72
C GLU A 183 6.77 -9.55 3.46
N ASN A 184 7.63 -10.31 2.73
CA ASN A 184 8.67 -11.13 3.34
C ASN A 184 9.79 -10.30 3.96
N GLN A 185 10.15 -9.10 3.50
CA GLN A 185 11.10 -8.24 4.21
C GLN A 185 10.66 -7.79 5.61
N VAL A 186 9.36 -7.45 5.76
CA VAL A 186 8.71 -7.15 7.04
C VAL A 186 8.71 -8.36 7.94
N LYS A 187 8.30 -9.56 7.49
CA LYS A 187 8.24 -10.73 8.33
C LYS A 187 9.63 -11.12 8.77
N THR A 188 10.68 -10.99 7.95
CA THR A 188 12.05 -11.29 8.34
C THR A 188 12.54 -10.36 9.45
N ASN A 189 12.30 -9.07 9.27
CA ASN A 189 12.72 -8.08 10.21
C ASN A 189 11.60 -7.76 11.19
N PHE A 190 10.76 -8.75 11.57
CA PHE A 190 9.56 -8.45 12.31
C PHE A 190 9.74 -7.68 13.58
N ASN A 191 10.85 -8.02 14.31
CA ASN A 191 11.12 -7.38 15.60
C ASN A 191 12.19 -6.30 15.63
N ARG A 192 12.45 -5.73 14.46
CA ARG A 192 13.39 -4.63 14.42
C ARG A 192 13.03 -3.59 13.40
N ASP A 193 13.59 -2.40 13.53
CA ASP A 193 13.34 -1.37 12.55
C ASP A 193 14.29 -1.68 11.42
N PHE A 194 13.93 -1.58 10.15
CA PHE A 194 14.92 -1.83 9.13
C PHE A 194 14.79 -0.84 8.00
N SER A 195 15.82 -0.64 7.16
CA SER A 195 15.72 0.25 6.04
C SER A 195 15.46 -0.51 4.73
N PRO A 196 14.58 -0.07 3.80
CA PRO A 196 14.25 -0.85 2.59
C PRO A 196 15.45 -0.95 1.67
N ASN A 197 15.82 -2.19 1.27
CA ASN A 197 16.96 -2.35 0.40
C ASN A 197 16.69 -1.98 -1.04
N ASP A 198 17.70 -2.14 -1.88
CA ASP A 198 17.54 -1.74 -3.24
C ASP A 198 16.57 -2.55 -4.03
N LYS A 199 16.37 -3.85 -3.79
CA LYS A 199 15.36 -4.60 -4.52
C LYS A 199 13.96 -4.17 -4.12
N VAL A 200 13.67 -3.82 -2.85
CA VAL A 200 12.38 -3.26 -2.39
C VAL A 200 12.08 -2.00 -3.25
N LEU A 201 12.92 -0.93 -3.29
CA LEU A 201 12.62 0.30 -4.06
C LEU A 201 12.48 0.06 -5.56
N ASP A 202 13.27 -0.85 -6.12
CA ASP A 202 13.18 -1.17 -7.54
C ASP A 202 11.86 -1.86 -7.91
N LEU A 203 11.41 -2.86 -7.16
CA LEU A 203 10.11 -3.43 -7.35
C LEU A 203 9.00 -2.39 -7.19
N GLU A 204 9.00 -1.52 -6.17
CA GLU A 204 7.97 -0.50 -5.98
C GLU A 204 7.74 0.36 -7.22
N GLU A 205 8.90 0.66 -7.80
CA GLU A 205 9.07 1.51 -8.95
C GLU A 205 8.70 0.96 -10.32
N ASN A 206 8.68 -0.37 -10.42
CA ASN A 206 8.44 -1.11 -11.65
C ASN A 206 7.25 -2.05 -11.59
N TRP A 207 6.30 -1.80 -10.67
CA TRP A 207 5.09 -2.62 -10.61
C TRP A 207 4.29 -2.70 -11.92
N GLY A 208 4.10 -1.54 -12.55
CA GLY A 208 3.35 -1.48 -13.77
C GLY A 208 4.08 -2.22 -14.86
N LYS A 209 5.38 -2.01 -14.96
CA LYS A 209 6.18 -2.68 -15.96
C LYS A 209 6.19 -4.22 -15.82
N ILE A 210 6.35 -4.78 -14.61
CA ILE A 210 6.29 -6.20 -14.30
C ILE A 210 4.97 -6.83 -14.67
N SER A 211 3.84 -6.18 -14.36
CA SER A 211 2.50 -6.66 -14.64
C SER A 211 2.22 -6.85 -16.14
N THR A 212 2.57 -5.83 -16.92
CA THR A 212 2.43 -5.79 -18.38
C THR A 212 3.29 -6.93 -18.93
N ALA A 213 4.58 -7.08 -18.52
CA ALA A 213 5.43 -8.18 -18.97
C ALA A 213 4.84 -9.56 -18.70
N ILE A 214 4.40 -9.88 -17.46
CA ILE A 214 3.81 -11.17 -17.14
C ILE A 214 2.56 -11.48 -17.98
N HIS A 215 1.66 -10.47 -18.11
CA HIS A 215 0.43 -10.57 -18.87
C HIS A 215 0.73 -10.88 -20.33
N ASN A 216 1.81 -10.28 -20.90
CA ASN A 216 2.14 -10.51 -22.30
C ASN A 216 3.09 -11.68 -22.61
N SER A 217 3.48 -12.46 -21.60
CA SER A 217 4.32 -13.66 -21.75
C SER A 217 3.68 -14.79 -22.52
N LYS A 218 4.49 -15.50 -23.33
CA LYS A 218 3.95 -16.59 -24.15
C LYS A 218 4.70 -17.81 -23.66
N ASN A 219 3.93 -18.81 -23.25
CA ASN A 219 4.45 -20.05 -22.67
C ASN A 219 5.48 -19.81 -21.55
N GLY A 220 5.25 -18.75 -20.77
CA GLY A 220 6.03 -18.42 -19.57
C GLY A 220 7.29 -17.60 -19.79
N ALA A 221 7.46 -17.06 -21.00
CA ALA A 221 8.60 -16.25 -21.36
C ALA A 221 8.19 -14.82 -21.60
N LEU A 222 8.88 -13.87 -20.95
CA LEU A 222 8.64 -12.45 -21.03
C LEU A 222 8.93 -12.00 -22.45
N PRO A 223 8.13 -11.06 -23.00
CA PRO A 223 8.31 -10.44 -24.32
C PRO A 223 9.75 -10.00 -24.63
N LYS A 224 10.43 -9.45 -23.59
CA LYS A 224 11.79 -8.98 -23.65
C LYS A 224 12.40 -9.03 -22.23
N PRO A 225 13.74 -9.02 -22.05
CA PRO A 225 14.40 -8.95 -20.75
C PRO A 225 13.92 -7.79 -19.90
N LEU A 226 13.72 -8.09 -18.64
CA LEU A 226 13.28 -7.12 -17.68
C LEU A 226 14.48 -6.84 -16.81
N GLU A 227 15.04 -5.63 -16.74
CA GLU A 227 16.21 -5.39 -15.91
C GLU A 227 15.79 -4.77 -14.58
N LEU A 228 16.00 -5.57 -13.54
CA LEU A 228 15.73 -5.15 -12.17
C LEU A 228 17.02 -5.12 -11.35
N LYS A 229 16.87 -5.08 -10.01
CA LYS A 229 17.96 -4.98 -9.04
C LYS A 229 17.87 -6.01 -7.94
N ASN A 230 19.01 -6.61 -7.63
CA ASN A 230 19.10 -7.50 -6.49
C ASN A 230 19.08 -6.71 -5.18
N ALA A 231 18.99 -7.41 -4.03
CA ALA A 231 18.99 -6.84 -2.69
C ALA A 231 20.20 -5.96 -2.40
N ASP A 232 21.36 -6.30 -3.00
CA ASP A 232 22.53 -5.45 -2.85
C ASP A 232 22.66 -4.39 -3.95
N GLY A 233 21.67 -4.21 -4.85
CA GLY A 233 21.73 -3.15 -5.85
C GLY A 233 22.35 -3.54 -7.17
N THR A 234 22.97 -4.72 -7.31
CA THR A 234 23.50 -5.18 -8.58
C THR A 234 22.39 -5.46 -9.58
N LYS A 235 22.67 -5.38 -10.89
CA LYS A 235 21.68 -5.67 -11.93
C LYS A 235 21.17 -7.13 -11.92
N TRP A 236 19.87 -7.33 -12.09
CA TRP A 236 19.25 -8.64 -12.16
C TRP A 236 18.46 -8.67 -13.46
N ILE A 237 18.80 -9.55 -14.40
CA ILE A 237 18.03 -9.71 -15.65
C ILE A 237 17.01 -10.87 -15.55
N VAL A 238 15.74 -10.49 -15.74
CA VAL A 238 14.67 -11.46 -15.70
C VAL A 238 14.17 -11.77 -17.13
N LEU A 239 14.17 -13.07 -17.46
CA LEU A 239 13.75 -13.57 -18.75
C LEU A 239 12.44 -14.35 -18.75
N ARG A 240 12.04 -14.94 -17.63
CA ARG A 240 10.87 -15.80 -17.48
C ARG A 240 10.06 -15.42 -16.24
N VAL A 241 8.75 -15.78 -16.37
CA VAL A 241 7.73 -15.54 -15.37
C VAL A 241 8.05 -16.26 -14.08
N ASP A 242 8.56 -17.48 -14.11
CA ASP A 242 8.85 -18.23 -12.91
C ASP A 242 10.03 -17.65 -12.14
N GLU A 243 10.83 -16.79 -12.75
CA GLU A 243 11.93 -16.10 -12.10
C GLU A 243 11.52 -14.96 -11.15
N ILE A 244 10.43 -14.24 -11.57
CA ILE A 244 9.88 -13.08 -10.88
C ILE A 244 8.62 -13.43 -10.08
N LYS A 245 7.86 -14.47 -10.47
CA LYS A 245 6.64 -14.84 -9.77
C LYS A 245 6.79 -15.03 -8.26
N PRO A 246 7.85 -15.56 -7.66
CA PRO A 246 8.00 -15.57 -6.21
C PRO A 246 7.92 -14.23 -5.45
N ASP A 247 8.21 -13.11 -6.11
CA ASP A 247 8.17 -11.80 -5.49
C ASP A 247 6.85 -11.03 -5.60
N VAL A 248 5.92 -11.46 -6.47
CA VAL A 248 4.69 -10.77 -6.82
C VAL A 248 3.46 -11.35 -6.17
N GLY A 249 2.72 -10.53 -5.44
CA GLY A 249 1.43 -10.95 -4.88
C GLY A 249 0.18 -10.54 -5.67
N LEU A 250 0.24 -9.47 -6.46
CA LEU A 250 -0.86 -8.95 -7.27
C LEU A 250 -0.34 -8.20 -8.52
N LEU A 251 -1.04 -8.39 -9.63
CA LEU A 251 -0.80 -7.71 -10.89
C LEU A 251 -1.68 -6.49 -10.98
N ASN A 252 -1.10 -5.47 -11.55
CA ASN A 252 -1.83 -4.28 -11.85
C ASN A 252 -2.71 -4.64 -13.04
N TYR A 253 -3.93 -4.11 -13.13
CA TYR A 253 -4.76 -4.39 -14.29
C TYR A 253 -4.13 -4.06 -15.65
N VAL A 254 -4.17 -5.06 -16.53
CA VAL A 254 -3.72 -5.00 -17.91
C VAL A 254 -4.85 -5.64 -18.73
N ASN A 255 -5.35 -4.89 -19.71
CA ASN A 255 -6.45 -5.28 -20.56
C ASN A 255 -6.14 -6.46 -21.47
N GLY A 256 -7.17 -7.20 -21.82
CA GLY A 256 -7.01 -8.34 -22.70
C GLY A 256 -6.80 -9.66 -22.00
N THR A 257 -6.62 -10.73 -22.78
CA THR A 257 -6.45 -12.07 -22.21
C THR A 257 -4.98 -12.38 -22.09
N CYS A 258 -4.72 -13.22 -21.10
CA CYS A 258 -3.38 -13.71 -20.82
C CYS A 258 -3.49 -15.18 -20.41
N GLN A 259 -2.39 -15.96 -20.42
CA GLN A 259 -2.41 -17.34 -19.98
C GLN A 259 -2.75 -17.27 -18.52
N ALA A 260 -3.89 -17.89 -18.14
CA ALA A 260 -4.39 -17.78 -16.79
C ALA A 260 -3.61 -18.57 -15.77
N THR A 261 -3.04 -19.72 -16.17
CA THR A 261 -2.21 -20.46 -15.25
C THR A 261 -0.83 -20.84 -15.80
C1 NAG B . -9.50 -4.32 -24.06
C2 NAG B . -9.63 -3.34 -25.23
C3 NAG B . -10.82 -3.71 -26.10
C4 NAG B . -10.76 -5.18 -26.50
C5 NAG B . -10.61 -6.07 -25.25
C6 NAG B . -10.46 -7.58 -25.57
C7 NAG B . -8.89 -1.03 -24.97
C8 NAG B . -9.15 0.39 -24.49
N2 NAG B . -9.81 -1.97 -24.75
O3 NAG B . -10.80 -2.90 -27.26
O4 NAG B . -11.97 -5.51 -27.18
O5 NAG B . -9.42 -5.67 -24.54
O6 NAG B . -9.42 -7.79 -26.53
O7 NAG B . -7.82 -1.31 -25.51
N9 ADE C . 2.99 4.56 -4.23
C8 ADE C . 3.19 5.87 -4.39
N7 ADE C . 2.32 6.60 -3.77
C5 ADE C . 1.39 5.68 -3.28
C6 ADE C . 0.15 5.83 -2.61
N6 ADE C . -0.36 7.04 -2.27
N1 ADE C . -0.55 4.70 -2.40
C2 ADE C . -0.06 3.55 -2.83
N3 ADE C . 1.09 3.29 -3.43
C4 ADE C . 1.77 4.43 -3.64
#